data_9JKZ
#
_entry.id   9JKZ
#
_cell.length_a   53.489
_cell.length_b   53.982
_cell.length_c   141.081
_cell.angle_alpha   90.000
_cell.angle_beta   90.000
_cell.angle_gamma   90.000
#
_symmetry.space_group_name_H-M   'P 21 21 21'
#
loop_
_entity.id
_entity.type
_entity.pdbx_description
1 polymer 'Vitamin D3 dihydroxylase'
2 non-polymer 'PROTOPORPHYRIN IX CONTAINING FE'
3 non-polymer 'Simvastatin acid'
4 non-polymer (4S)-2-METHYL-2,4-PENTANEDIOL
5 water water
#
_entity_poly.entity_id   1
_entity_poly.type   'polypeptide(L)'
_entity_poly.pdbx_seq_one_letter_code
;MTDTATTPQTTDAPAFPSNRSCPYQLPDGYAQLRDTPGPLHRVTLYDGRQAWVVTKHEAARKLLGDPRLSSNRTDDNFPA
TSPAFEAVRESPQAFIGLDPPEHGTRRRMTISEFTVKRIKGMRPEVEEVVHGFLDEMLAAGPTADLVSQFALPVPSMVIC
RLLGVPYADHEFFQDASKRLVQSTDAQSALTARNDLAGYLDGLITQFQTEPGAGLVGALVADQLANGEIDREELISTAML
LLIAGHETTASMTSLSVITLLDHPEQYAALRADRSLVPGAVEELLRYLAIADIAGGRVATADIEVEGQLIRAGEGVIVVN
SIANRDGTVYEDPDALDIHRSARHHLAFGFGVHQCLGQNLARLELEVILNALMDRVPTLRLAVPVEQLVLRPGTTIQGVN
ELPVTWHHHHHH
;
_entity_poly.pdbx_strand_id   A
#
# COMPACT_ATOMS: atom_id res chain seq x y z
N THR A 7 13.45 0.71 38.77
CA THR A 7 14.48 1.06 37.81
C THR A 7 13.88 1.88 36.67
N PRO A 8 14.70 2.69 36.00
CA PRO A 8 14.22 3.39 34.81
C PRO A 8 13.92 2.41 33.68
N GLN A 9 12.94 2.79 32.85
CA GLN A 9 12.45 1.93 31.77
C GLN A 9 12.99 2.34 30.41
N THR A 10 13.86 3.35 30.34
CA THR A 10 14.38 3.79 29.06
C THR A 10 15.26 2.71 28.43
N THR A 11 15.05 2.46 27.14
CA THR A 11 15.82 1.47 26.40
C THR A 11 16.45 2.13 25.17
N ASP A 12 17.44 1.45 24.61
CA ASP A 12 18.13 1.93 23.42
C ASP A 12 17.48 1.44 22.13
N ALA A 13 16.53 0.51 22.21
CA ALA A 13 15.84 -0.01 21.04
C ALA A 13 14.35 -0.05 21.36
N PRO A 14 13.63 1.03 21.07
CA PRO A 14 12.21 1.09 21.42
C PRO A 14 11.40 0.05 20.65
N ALA A 15 10.24 -0.29 21.21
CA ALA A 15 9.34 -1.24 20.57
C ALA A 15 8.91 -0.71 19.21
N PHE A 16 8.81 -1.62 18.23
CA PHE A 16 8.46 -1.28 16.88
C PHE A 16 7.58 -2.39 16.31
N PRO A 17 6.53 -2.05 15.56
CA PRO A 17 6.09 -0.70 15.18
C PRO A 17 5.22 -0.01 16.22
N SER A 18 4.80 1.22 15.94
CA SER A 18 3.88 1.96 16.78
C SER A 18 2.62 2.29 15.99
N ASN A 19 1.53 2.52 16.70
CA ASN A 19 0.25 2.83 16.10
C ASN A 19 0.05 4.33 16.01
N ARG A 20 -0.65 4.77 14.97
CA ARG A 20 -0.99 6.18 14.82
C ARG A 20 -2.21 6.52 15.67
N SER A 21 -2.14 7.69 16.31
CA SER A 21 -3.29 8.25 17.00
C SER A 21 -4.01 9.31 16.17
N CYS A 22 -3.29 9.96 15.26
CA CYS A 22 -3.87 10.83 14.26
C CYS A 22 -3.54 10.28 12.88
N PRO A 23 -4.51 10.14 11.98
CA PRO A 23 -4.26 9.43 10.73
C PRO A 23 -3.18 10.05 9.85
N TYR A 24 -2.95 11.36 9.96
CA TYR A 24 -1.99 12.03 9.10
C TYR A 24 -0.80 12.60 9.88
N GLN A 25 -0.47 11.99 11.02
CA GLN A 25 0.72 12.34 11.76
C GLN A 25 1.48 11.09 12.14
N LEU A 26 2.81 11.21 12.19
CA LEU A 26 3.63 10.11 12.66
C LEU A 26 3.26 9.76 14.10
N PRO A 27 3.31 8.49 14.48
CA PRO A 27 3.22 8.15 15.90
C PRO A 27 4.34 8.85 16.66
N ASP A 28 4.08 9.12 17.95
CA ASP A 28 5.08 9.79 18.76
C ASP A 28 6.41 9.06 18.74
N GLY A 29 6.37 7.73 18.78
CA GLY A 29 7.60 6.95 18.72
C GLY A 29 8.34 7.11 17.41
N TYR A 30 7.62 7.37 16.32
CA TYR A 30 8.29 7.57 15.04
C TYR A 30 8.88 8.96 14.92
N ALA A 31 8.26 9.96 15.55
CA ALA A 31 8.77 11.32 15.48
C ALA A 31 10.09 11.46 16.22
N GLN A 32 10.28 10.71 17.32
CA GLN A 32 11.56 10.76 18.01
C GLN A 32 12.64 10.02 17.23
N LEU A 33 12.30 8.87 16.64
CA LEU A 33 13.23 8.21 15.74
C LEU A 33 13.61 9.12 14.57
N ARG A 34 12.65 9.90 14.09
CA ARG A 34 12.93 10.87 13.04
C ARG A 34 13.91 11.95 13.52
N ASP A 35 13.85 12.30 14.80
CA ASP A 35 14.65 13.40 15.33
C ASP A 35 16.01 12.96 15.86
N THR A 36 16.22 11.67 16.11
CA THR A 36 17.55 11.20 16.47
C THR A 36 18.52 11.49 15.32
N PRO A 37 19.79 11.72 15.62
CA PRO A 37 20.76 11.94 14.55
C PRO A 37 21.25 10.63 13.95
N GLY A 38 21.67 10.70 12.70
CA GLY A 38 22.13 9.53 12.00
C GLY A 38 21.01 8.84 11.27
N PRO A 39 21.37 7.97 10.32
CA PRO A 39 20.37 7.32 9.47
C PRO A 39 19.77 6.04 10.01
N LEU A 40 20.35 5.42 11.04
CA LEU A 40 19.90 4.13 11.53
C LEU A 40 19.62 4.21 13.01
N HIS A 41 18.73 3.33 13.48
CA HIS A 41 18.43 3.24 14.90
C HIS A 41 17.88 1.85 15.20
N ARG A 42 18.31 1.27 16.32
CA ARG A 42 17.84 -0.04 16.71
C ARG A 42 16.42 0.02 17.25
N VAL A 43 15.66 -1.03 17.00
CA VAL A 43 14.32 -1.20 17.55
C VAL A 43 14.19 -2.65 18.04
N THR A 44 13.05 -2.93 18.68
CA THR A 44 12.75 -4.27 19.16
C THR A 44 11.44 -4.73 18.53
N LEU A 45 11.48 -5.86 17.84
CA LEU A 45 10.28 -6.40 17.21
C LEU A 45 9.42 -7.11 18.25
N TYR A 46 8.31 -7.70 17.80
CA TYR A 46 7.33 -8.25 18.72
C TYR A 46 7.86 -9.47 19.47
N ASP A 47 8.71 -10.26 18.83
CA ASP A 47 9.24 -11.48 19.46
C ASP A 47 10.47 -11.22 20.31
N GLY A 48 10.90 -9.97 20.45
CA GLY A 48 12.09 -9.62 21.18
C GLY A 48 13.31 -9.39 20.32
N ARG A 49 13.28 -9.82 19.06
CA ARG A 49 14.39 -9.61 18.16
C ARG A 49 14.66 -8.11 17.98
N GLN A 50 15.94 -7.75 17.89
CA GLN A 50 16.32 -6.38 17.59
C GLN A 50 16.55 -6.23 16.09
N ALA A 51 16.28 -5.03 15.59
CA ALA A 51 16.38 -4.76 14.17
C ALA A 51 16.76 -3.31 13.94
N TRP A 52 17.19 -3.02 12.72
CA TRP A 52 17.50 -1.65 12.31
C TRP A 52 16.30 -1.05 11.57
N VAL A 53 16.06 0.23 11.83
CA VAL A 53 15.12 1.01 11.05
C VAL A 53 15.88 2.19 10.45
N VAL A 54 15.53 2.56 9.23
CA VAL A 54 16.11 3.72 8.58
C VAL A 54 15.21 4.91 8.84
N THR A 55 15.81 6.03 9.26
CA THR A 55 15.05 7.20 9.69
C THR A 55 15.36 8.46 8.88
N LYS A 56 16.19 8.35 7.85
CA LYS A 56 16.56 9.49 7.03
C LYS A 56 16.33 9.19 5.56
N HIS A 57 16.04 10.23 4.79
CA HIS A 57 15.60 10.05 3.42
C HIS A 57 16.73 9.56 2.51
N GLU A 58 17.90 10.17 2.61
CA GLU A 58 19.02 9.82 1.73
CA GLU A 58 18.98 9.80 1.70
C GLU A 58 19.49 8.39 1.97
N ALA A 59 19.52 7.96 3.23
CA ALA A 59 19.96 6.59 3.52
C ALA A 59 18.89 5.58 3.16
N ALA A 60 17.62 5.92 3.37
CA ALA A 60 16.53 5.08 2.90
C ALA A 60 16.62 4.87 1.40
N ARG A 61 16.84 5.96 0.65
CA ARG A 61 16.95 5.86 -0.80
C ARG A 61 18.19 5.05 -1.20
N LYS A 62 19.28 5.19 -0.45
CA LYS A 62 20.50 4.49 -0.81
C LYS A 62 20.42 3.00 -0.47
N LEU A 63 19.80 2.67 0.66
CA LEU A 63 19.73 1.27 1.07
C LEU A 63 18.68 0.51 0.27
N LEU A 64 17.60 1.18 -0.15
CA LEU A 64 16.60 0.53 -0.99
C LEU A 64 17.17 0.11 -2.34
N GLY A 65 18.27 0.74 -2.78
CA GLY A 65 18.96 0.37 -3.99
C GLY A 65 20.23 -0.43 -3.77
N ASP A 66 20.55 -0.81 -2.53
CA ASP A 66 21.74 -1.58 -2.23
C ASP A 66 21.44 -3.06 -2.43
N PRO A 67 22.16 -3.76 -3.31
CA PRO A 67 21.86 -5.19 -3.55
C PRO A 67 22.25 -6.09 -2.39
N ARG A 68 22.94 -5.59 -1.38
CA ARG A 68 23.29 -6.39 -0.22
C ARG A 68 22.13 -6.57 0.75
N LEU A 69 21.02 -5.87 0.54
CA LEU A 69 19.80 -6.04 1.32
C LEU A 69 18.83 -6.90 0.52
N SER A 70 18.50 -8.08 1.05
CA SER A 70 17.65 -9.04 0.36
C SER A 70 16.20 -8.89 0.81
N SER A 71 15.29 -9.20 -0.11
CA SER A 71 13.86 -9.21 0.17
C SER A 71 13.31 -10.61 0.43
N ASN A 72 14.19 -11.58 0.66
CA ASN A 72 13.77 -12.97 0.86
C ASN A 72 12.98 -13.07 2.16
N ARG A 73 11.66 -13.23 2.03
CA ARG A 73 10.80 -13.38 3.21
CA ARG A 73 10.81 -13.37 3.22
C ARG A 73 11.06 -14.69 3.93
N THR A 74 11.42 -15.74 3.20
CA THR A 74 11.65 -17.05 3.81
C THR A 74 12.93 -17.11 4.63
N ASP A 75 13.80 -16.11 4.52
CA ASP A 75 15.00 -16.07 5.35
C ASP A 75 14.59 -15.99 6.82
N ASP A 76 15.30 -16.76 7.66
CA ASP A 76 14.95 -16.83 9.08
C ASP A 76 15.17 -15.51 9.79
N ASN A 77 16.05 -14.66 9.27
CA ASN A 77 16.38 -13.39 9.91
C ASN A 77 15.55 -12.23 9.40
N PHE A 78 14.54 -12.49 8.57
CA PHE A 78 13.75 -11.39 8.01
C PHE A 78 12.95 -10.72 9.13
N PRO A 79 12.93 -9.39 9.16
CA PRO A 79 12.25 -8.69 10.27
C PRO A 79 10.73 -8.77 10.20
N ALA A 80 10.17 -9.81 10.80
CA ALA A 80 8.71 -9.88 10.95
C ALA A 80 8.24 -8.93 12.03
N THR A 81 7.16 -8.20 11.76
CA THR A 81 6.66 -7.19 12.68
C THR A 81 5.38 -7.60 13.39
N SER A 82 4.86 -8.80 13.13
CA SER A 82 3.66 -9.29 13.81
C SER A 82 3.58 -10.79 13.60
N PRO A 83 2.83 -11.50 14.46
CA PRO A 83 2.63 -12.94 14.23
C PRO A 83 1.94 -13.24 12.90
N ALA A 84 1.08 -12.35 12.43
CA ALA A 84 0.39 -12.58 11.16
C ALA A 84 1.35 -12.67 9.98
N PHE A 85 2.56 -12.14 10.12
CA PHE A 85 3.54 -12.18 9.04
C PHE A 85 3.98 -13.60 8.72
N GLU A 86 3.81 -14.54 9.65
CA GLU A 86 4.19 -15.92 9.38
C GLU A 86 3.38 -16.54 8.24
N ALA A 87 2.33 -15.87 7.76
CA ALA A 87 1.56 -16.38 6.64
C ALA A 87 2.31 -16.23 5.33
N VAL A 88 2.94 -15.07 5.11
CA VAL A 88 3.65 -14.84 3.86
C VAL A 88 5.02 -15.53 3.87
N ARG A 89 5.65 -15.66 5.05
CA ARG A 89 6.92 -16.38 5.13
C ARG A 89 6.75 -17.84 4.76
N GLU A 90 5.75 -18.51 5.36
CA GLU A 90 5.41 -19.91 5.14
C GLU A 90 4.77 -20.18 3.75
N SER A 91 4.72 -19.19 2.86
CA SER A 91 4.02 -19.35 1.61
C SER A 91 4.96 -19.18 0.41
N PRO A 92 4.64 -19.79 -0.73
CA PRO A 92 5.41 -19.51 -1.95
C PRO A 92 5.39 -18.02 -2.27
N GLN A 93 6.54 -17.51 -2.71
CA GLN A 93 6.75 -16.08 -2.79
C GLN A 93 6.40 -15.53 -4.17
N ALA A 94 5.69 -14.40 -4.18
CA ALA A 94 5.60 -13.58 -5.36
C ALA A 94 6.89 -12.76 -5.50
N PHE A 95 7.03 -12.07 -6.63
CA PHE A 95 8.29 -11.41 -6.92
C PHE A 95 8.61 -10.25 -5.97
N ILE A 96 7.66 -9.83 -5.13
CA ILE A 96 7.97 -8.81 -4.13
C ILE A 96 8.96 -9.35 -3.10
N GLY A 97 8.97 -10.67 -2.90
CA GLY A 97 9.89 -11.28 -1.95
C GLY A 97 11.04 -12.00 -2.63
N LEU A 98 11.28 -11.69 -3.90
CA LEU A 98 12.36 -12.27 -4.67
C LEU A 98 13.46 -11.24 -4.89
N ASP A 99 14.67 -11.75 -5.11
CA ASP A 99 15.83 -10.94 -5.43
C ASP A 99 16.22 -11.14 -6.89
N PRO A 100 17.01 -10.23 -7.46
CA PRO A 100 17.53 -10.47 -8.80
C PRO A 100 18.36 -11.74 -8.83
N PRO A 101 18.37 -12.46 -9.96
CA PRO A 101 17.66 -12.16 -11.21
C PRO A 101 16.25 -12.73 -11.28
N GLU A 102 15.86 -13.60 -10.34
CA GLU A 102 14.53 -14.22 -10.41
C GLU A 102 13.43 -13.18 -10.28
N HIS A 103 13.67 -12.10 -9.54
CA HIS A 103 12.66 -11.06 -9.38
C HIS A 103 12.32 -10.41 -10.71
N GLY A 104 13.33 -10.13 -11.53
CA GLY A 104 13.10 -9.44 -12.79
C GLY A 104 12.28 -10.26 -13.77
N THR A 105 12.61 -11.56 -13.90
CA THR A 105 11.89 -12.41 -14.84
C THR A 105 10.42 -12.54 -14.47
N ARG A 106 10.10 -12.46 -13.18
CA ARG A 106 8.70 -12.53 -12.75
CA ARG A 106 8.70 -12.53 -12.75
C ARG A 106 7.99 -11.20 -12.92
N ARG A 107 8.66 -10.10 -12.65
CA ARG A 107 8.04 -8.78 -12.78
CA ARG A 107 8.04 -8.78 -12.78
C ARG A 107 7.73 -8.46 -14.24
N ARG A 108 8.60 -8.89 -15.16
CA ARG A 108 8.38 -8.59 -16.58
CA ARG A 108 8.38 -8.59 -16.58
C ARG A 108 7.08 -9.22 -17.09
N MET A 109 6.62 -10.30 -16.46
CA MET A 109 5.38 -10.94 -16.88
C MET A 109 4.15 -10.07 -16.61
N THR A 110 4.29 -9.00 -15.84
CA THR A 110 3.15 -8.20 -15.41
C THR A 110 3.21 -6.74 -15.83
N ILE A 111 4.36 -6.24 -16.29
CA ILE A 111 4.53 -4.82 -16.52
C ILE A 111 3.63 -4.28 -17.64
N SER A 112 3.23 -5.14 -18.57
CA SER A 112 2.50 -4.66 -19.75
C SER A 112 1.19 -4.00 -19.37
N GLU A 113 0.57 -4.42 -18.27
CA GLU A 113 -0.71 -3.87 -17.83
C GLU A 113 -0.56 -2.63 -16.97
N PHE A 114 0.66 -2.17 -16.71
CA PHE A 114 0.88 -1.03 -15.82
C PHE A 114 1.79 0.04 -16.43
N THR A 115 2.02 -0.01 -17.74
CA THR A 115 2.79 1.05 -18.39
C THR A 115 2.00 2.36 -18.37
N VAL A 116 2.70 3.46 -18.63
CA VAL A 116 2.07 4.77 -18.59
C VAL A 116 1.01 4.88 -19.68
N LYS A 117 1.34 4.44 -20.91
CA LYS A 117 0.36 4.55 -21.99
C LYS A 117 -0.86 3.67 -21.75
N ARG A 118 -0.70 2.55 -21.06
CA ARG A 118 -1.84 1.71 -20.72
C ARG A 118 -2.65 2.34 -19.60
N ILE A 119 -1.98 2.93 -18.61
CA ILE A 119 -2.68 3.56 -17.50
C ILE A 119 -3.45 4.79 -17.98
N LYS A 120 -2.84 5.61 -18.83
CA LYS A 120 -3.53 6.78 -19.34
C LYS A 120 -4.74 6.39 -20.17
N GLY A 121 -4.64 5.30 -20.93
CA GLY A 121 -5.77 4.86 -21.73
C GLY A 121 -6.93 4.38 -20.88
N MET A 122 -6.66 3.97 -19.64
CA MET A 122 -7.69 3.47 -18.74
C MET A 122 -8.54 4.58 -18.13
N ARG A 123 -8.17 5.85 -18.32
CA ARG A 123 -8.86 6.93 -17.62
C ARG A 123 -10.36 6.97 -17.88
N PRO A 124 -10.85 6.85 -19.13
CA PRO A 124 -12.31 6.81 -19.31
C PRO A 124 -12.99 5.70 -18.53
N GLU A 125 -12.40 4.51 -18.47
CA GLU A 125 -13.01 3.42 -17.73
C GLU A 125 -13.07 3.73 -16.23
N VAL A 126 -11.99 4.28 -15.67
CA VAL A 126 -11.96 4.58 -14.25
C VAL A 126 -12.98 5.66 -13.91
N GLU A 127 -13.12 6.67 -14.77
CA GLU A 127 -14.09 7.72 -14.52
C GLU A 127 -15.51 7.18 -14.52
N GLU A 128 -15.81 6.24 -15.43
CA GLU A 128 -17.12 5.60 -15.42
C GLU A 128 -17.34 4.83 -14.13
N VAL A 129 -16.32 4.12 -13.66
CA VAL A 129 -16.45 3.33 -12.43
C VAL A 129 -16.68 4.25 -11.23
N VAL A 130 -15.93 5.34 -11.15
CA VAL A 130 -16.04 6.24 -10.00
C VAL A 130 -17.42 6.88 -9.95
N HIS A 131 -17.88 7.42 -11.09
CA HIS A 131 -19.17 8.10 -11.10
C HIS A 131 -20.33 7.13 -10.95
N GLY A 132 -20.14 5.86 -11.33
CA GLY A 132 -21.19 4.87 -11.13
C GLY A 132 -21.46 4.61 -9.65
N PHE A 133 -20.39 4.42 -8.87
CA PHE A 133 -20.55 4.23 -7.44
C PHE A 133 -20.91 5.53 -6.72
N LEU A 134 -20.57 6.69 -7.31
CA LEU A 134 -20.97 7.95 -6.71
C LEU A 134 -22.47 8.18 -6.88
N ASP A 135 -23.02 7.78 -8.04
CA ASP A 135 -24.47 7.86 -8.23
C ASP A 135 -25.20 7.05 -7.17
N GLU A 136 -24.77 5.80 -6.96
CA GLU A 136 -25.47 4.92 -6.04
C GLU A 136 -25.41 5.44 -4.60
N MET A 137 -24.24 5.93 -4.19
CA MET A 137 -24.09 6.41 -2.81
C MET A 137 -24.94 7.66 -2.58
N LEU A 138 -24.99 8.57 -3.56
CA LEU A 138 -25.75 9.79 -3.39
C LEU A 138 -27.25 9.54 -3.48
N ALA A 139 -27.67 8.52 -4.23
CA ALA A 139 -29.10 8.23 -4.33
C ALA A 139 -29.63 7.55 -3.08
N ALA A 140 -28.77 6.83 -2.36
CA ALA A 140 -29.17 6.13 -1.16
C ALA A 140 -29.34 7.06 0.04
N GLY A 141 -29.00 8.34 -0.09
CA GLY A 141 -29.20 9.31 0.95
C GLY A 141 -28.20 9.20 2.08
N PRO A 142 -27.91 10.32 2.73
CA PRO A 142 -27.02 10.29 3.89
C PRO A 142 -27.68 9.61 5.07
N THR A 143 -26.86 9.03 5.94
CA THR A 143 -25.41 9.05 5.82
C THR A 143 -24.90 7.90 4.96
N ALA A 144 -23.58 7.68 4.99
CA ALA A 144 -22.98 6.63 4.19
C ALA A 144 -21.60 6.28 4.75
N ASP A 145 -21.20 5.03 4.57
CA ASP A 145 -19.84 4.60 4.86
C ASP A 145 -19.02 4.75 3.59
N LEU A 146 -18.09 5.69 3.60
CA LEU A 146 -17.27 5.95 2.41
C LEU A 146 -16.38 4.77 2.05
N VAL A 147 -16.05 3.91 3.02
CA VAL A 147 -15.18 2.78 2.74
C VAL A 147 -15.91 1.72 1.93
N SER A 148 -16.98 1.17 2.51
CA SER A 148 -17.66 0.03 1.90
C SER A 148 -18.49 0.39 0.68
N GLN A 149 -18.80 1.67 0.49
CA GLN A 149 -19.66 2.08 -0.61
C GLN A 149 -18.93 2.85 -1.70
N PHE A 150 -17.66 3.21 -1.49
CA PHE A 150 -16.94 3.97 -2.51
C PHE A 150 -15.45 3.68 -2.50
N ALA A 151 -14.81 3.84 -1.33
CA ALA A 151 -13.35 3.74 -1.26
C ALA A 151 -12.86 2.37 -1.68
N LEU A 152 -13.56 1.32 -1.26
CA LEU A 152 -13.14 -0.05 -1.58
C LEU A 152 -13.68 -0.55 -2.91
N PRO A 153 -14.97 -0.36 -3.23
CA PRO A 153 -15.50 -0.95 -4.48
C PRO A 153 -14.87 -0.41 -5.75
N VAL A 154 -14.44 0.85 -5.77
CA VAL A 154 -13.95 1.47 -7.00
C VAL A 154 -12.64 0.81 -7.44
N PRO A 155 -11.57 0.77 -6.63
CA PRO A 155 -10.35 0.10 -7.09
C PRO A 155 -10.51 -1.41 -7.19
N SER A 156 -11.45 -2.00 -6.45
CA SER A 156 -11.73 -3.42 -6.58
C SER A 156 -12.18 -3.77 -7.98
N MET A 157 -13.15 -3.03 -8.51
CA MET A 157 -13.66 -3.31 -9.85
C MET A 157 -12.60 -3.04 -10.91
N VAL A 158 -11.80 -2.00 -10.72
CA VAL A 158 -10.79 -1.66 -11.72
C VAL A 158 -9.74 -2.76 -11.81
N ILE A 159 -9.23 -3.22 -10.67
CA ILE A 159 -8.18 -4.23 -10.71
C ILE A 159 -8.74 -5.58 -11.14
N CYS A 160 -10.02 -5.85 -10.83
CA CYS A 160 -10.64 -7.09 -11.29
C CYS A 160 -10.72 -7.15 -12.81
N ARG A 161 -11.06 -6.03 -13.44
CA ARG A 161 -11.08 -5.96 -14.89
C ARG A 161 -9.66 -6.08 -15.45
N LEU A 162 -8.68 -5.52 -14.74
CA LEU A 162 -7.30 -5.59 -15.22
C LEU A 162 -6.72 -7.00 -15.04
N LEU A 163 -7.06 -7.66 -13.94
CA LEU A 163 -6.55 -9.01 -13.69
C LEU A 163 -7.34 -10.09 -14.40
N GLY A 164 -8.58 -9.81 -14.79
CA GLY A 164 -9.46 -10.83 -15.32
C GLY A 164 -10.27 -11.56 -14.28
N VAL A 165 -10.30 -11.06 -13.05
CA VAL A 165 -11.07 -11.68 -11.98
C VAL A 165 -12.52 -11.22 -12.08
N PRO A 166 -13.49 -12.13 -12.02
CA PRO A 166 -14.90 -11.71 -12.14
C PRO A 166 -15.34 -10.91 -10.92
N TYR A 167 -15.85 -9.71 -11.16
CA TYR A 167 -16.34 -8.89 -10.05
C TYR A 167 -17.58 -9.48 -9.40
N ALA A 168 -18.24 -10.44 -10.05
CA ALA A 168 -19.41 -11.07 -9.45
C ALA A 168 -19.08 -11.76 -8.14
N ASP A 169 -17.80 -12.09 -7.90
CA ASP A 169 -17.36 -12.69 -6.65
C ASP A 169 -16.74 -11.67 -5.70
N HIS A 170 -17.07 -10.38 -5.87
CA HIS A 170 -16.37 -9.34 -5.11
C HIS A 170 -16.55 -9.51 -3.62
N GLU A 171 -17.71 -9.99 -3.19
CA GLU A 171 -17.97 -10.12 -1.75
C GLU A 171 -17.02 -11.13 -1.10
N PHE A 172 -16.69 -12.21 -1.83
CA PHE A 172 -15.82 -13.24 -1.26
C PHE A 172 -14.40 -12.72 -1.04
N PHE A 173 -13.73 -12.31 -2.12
CA PHE A 173 -12.31 -12.00 -1.99
C PHE A 173 -12.05 -10.65 -1.33
N GLN A 174 -13.01 -9.72 -1.34
CA GLN A 174 -12.86 -8.52 -0.52
C GLN A 174 -12.82 -8.88 0.96
N ASP A 175 -13.68 -9.81 1.38
CA ASP A 175 -13.67 -10.26 2.76
C ASP A 175 -12.38 -10.98 3.10
N ALA A 176 -11.96 -11.92 2.25
CA ALA A 176 -10.73 -12.66 2.50
C ALA A 176 -9.51 -11.74 2.46
N SER A 177 -9.54 -10.71 1.61
CA SER A 177 -8.41 -9.79 1.54
C SER A 177 -8.29 -8.96 2.80
N LYS A 178 -9.42 -8.50 3.37
CA LYS A 178 -9.39 -7.85 4.67
C LYS A 178 -8.84 -8.79 5.74
N ARG A 179 -9.43 -9.99 5.85
CA ARG A 179 -9.02 -10.91 6.91
C ARG A 179 -7.53 -11.18 6.87
N LEU A 180 -6.90 -11.09 5.69
CA LEU A 180 -5.46 -11.31 5.59
C LEU A 180 -4.67 -10.08 6.02
N VAL A 181 -5.03 -8.90 5.51
CA VAL A 181 -4.21 -7.72 5.74
C VAL A 181 -4.28 -7.28 7.19
N GLN A 182 -5.45 -7.38 7.82
CA GLN A 182 -5.63 -6.92 9.20
C GLN A 182 -5.70 -8.07 10.19
N SER A 183 -5.24 -9.26 9.81
CA SER A 183 -5.12 -10.36 10.76
C SER A 183 -4.08 -10.01 11.82
N THR A 184 -4.35 -10.44 13.05
CA THR A 184 -3.43 -10.21 14.16
C THR A 184 -2.70 -11.47 14.61
N ASP A 185 -3.20 -12.65 14.26
CA ASP A 185 -2.53 -13.91 14.54
C ASP A 185 -2.25 -14.64 13.24
N ALA A 186 -1.34 -15.61 13.31
CA ALA A 186 -0.98 -16.38 12.13
C ALA A 186 -2.09 -17.32 11.69
N GLN A 187 -2.99 -17.70 12.60
CA GLN A 187 -4.05 -18.64 12.24
CA GLN A 187 -4.05 -18.64 12.24
C GLN A 187 -5.06 -18.01 11.30
N SER A 188 -5.59 -16.84 11.67
CA SER A 188 -6.57 -16.19 10.80
C SER A 188 -5.92 -15.68 9.51
N ALA A 189 -4.62 -15.40 9.54
CA ALA A 189 -3.92 -15.01 8.32
C ALA A 189 -3.77 -16.20 7.37
N LEU A 190 -3.38 -17.35 7.91
CA LEU A 190 -3.26 -18.56 7.09
C LEU A 190 -4.59 -18.93 6.46
N THR A 191 -5.68 -18.86 7.24
CA THR A 191 -6.99 -19.25 6.72
C THR A 191 -7.43 -18.30 5.61
N ALA A 192 -7.22 -17.00 5.78
CA ALA A 192 -7.61 -16.04 4.75
C ALA A 192 -6.79 -16.24 3.48
N ARG A 193 -5.49 -16.50 3.62
CA ARG A 193 -4.65 -16.72 2.44
C ARG A 193 -5.04 -18.00 1.72
N ASN A 194 -5.43 -19.04 2.46
CA ASN A 194 -5.85 -20.28 1.83
C ASN A 194 -7.18 -20.11 1.11
N ASP A 195 -8.07 -19.28 1.66
CA ASP A 195 -9.33 -19.00 0.98
C ASP A 195 -9.09 -18.35 -0.38
N LEU A 196 -8.18 -17.37 -0.43
CA LEU A 196 -7.87 -16.71 -1.70
C LEU A 196 -7.14 -17.65 -2.65
N ALA A 197 -6.22 -18.47 -2.13
CA ALA A 197 -5.48 -19.40 -2.98
C ALA A 197 -6.42 -20.41 -3.61
N GLY A 198 -7.32 -20.99 -2.82
CA GLY A 198 -8.25 -21.97 -3.35
C GLY A 198 -9.16 -21.38 -4.42
N TYR A 199 -9.59 -20.12 -4.22
CA TYR A 199 -10.40 -19.46 -5.22
C TYR A 199 -9.62 -19.22 -6.50
N LEU A 200 -8.37 -18.76 -6.38
CA LEU A 200 -7.58 -18.46 -7.57
C LEU A 200 -7.17 -19.73 -8.31
N ASP A 201 -6.92 -20.82 -7.60
CA ASP A 201 -6.57 -22.07 -8.27
C ASP A 201 -7.73 -22.57 -9.13
N GLY A 202 -8.96 -22.43 -8.64
CA GLY A 202 -10.11 -22.77 -9.46
C GLY A 202 -10.24 -21.86 -10.67
N LEU A 203 -9.85 -20.60 -10.52
CA LEU A 203 -9.87 -19.67 -11.65
C LEU A 203 -8.84 -20.07 -12.70
N ILE A 204 -7.69 -20.58 -12.26
CA ILE A 204 -6.65 -21.02 -13.20
C ILE A 204 -7.15 -22.19 -14.02
N THR A 205 -7.77 -23.17 -13.37
CA THR A 205 -8.34 -24.31 -14.09
C THR A 205 -9.43 -23.84 -15.06
N GLN A 206 -10.21 -22.84 -14.64
CA GLN A 206 -11.28 -22.34 -15.50
CA GLN A 206 -11.28 -22.33 -15.50
C GLN A 206 -10.71 -21.72 -16.78
N PHE A 207 -9.61 -20.97 -16.65
CA PHE A 207 -8.98 -20.36 -17.82
C PHE A 207 -8.22 -21.36 -18.68
N GLN A 208 -7.94 -22.56 -18.17
CA GLN A 208 -7.33 -23.59 -19.00
C GLN A 208 -8.36 -24.29 -19.88
N THR A 209 -9.63 -24.31 -19.47
CA THR A 209 -10.68 -24.85 -20.31
C THR A 209 -11.07 -23.84 -21.38
N GLU A 210 -11.50 -22.65 -20.98
N GLU A 210 -11.48 -22.65 -20.97
CA GLU A 210 -11.75 -21.55 -21.91
CA GLU A 210 -11.77 -21.53 -21.87
C GLU A 210 -10.84 -20.39 -21.54
C GLU A 210 -10.84 -20.39 -21.53
N PRO A 211 -10.01 -19.91 -22.46
CA PRO A 211 -9.07 -18.82 -22.14
C PRO A 211 -9.81 -17.57 -21.69
N GLY A 212 -9.35 -17.01 -20.57
CA GLY A 212 -9.97 -15.84 -19.99
C GLY A 212 -9.28 -14.54 -20.41
N ALA A 213 -9.79 -13.45 -19.84
CA ALA A 213 -9.28 -12.12 -20.12
C ALA A 213 -8.32 -11.69 -19.01
N GLY A 214 -7.80 -10.47 -19.14
CA GLY A 214 -6.96 -9.89 -18.11
C GLY A 214 -5.57 -10.51 -18.06
N LEU A 215 -4.81 -10.07 -17.06
CA LEU A 215 -3.44 -10.54 -16.90
C LEU A 215 -3.38 -11.99 -16.46
N VAL A 216 -4.34 -12.43 -15.64
CA VAL A 216 -4.35 -13.81 -15.17
C VAL A 216 -4.63 -14.77 -16.34
N GLY A 217 -5.56 -14.40 -17.21
CA GLY A 217 -5.83 -15.24 -18.38
C GLY A 217 -4.62 -15.33 -19.30
N ALA A 218 -3.87 -14.24 -19.43
CA ALA A 218 -2.68 -14.26 -20.29
C ALA A 218 -1.57 -15.11 -19.68
N LEU A 219 -1.38 -15.02 -18.36
CA LEU A 219 -0.35 -15.82 -17.71
C LEU A 219 -0.68 -17.30 -17.73
N VAL A 220 -1.97 -17.65 -17.69
CA VAL A 220 -2.36 -19.06 -17.74
C VAL A 220 -2.09 -19.64 -19.13
N ALA A 221 -2.46 -18.91 -20.19
CA ALA A 221 -2.36 -19.43 -21.54
C ALA A 221 -0.94 -19.41 -22.10
N ASP A 222 -0.06 -18.59 -21.52
CA ASP A 222 1.28 -18.38 -22.07
C ASP A 222 2.36 -18.89 -21.13
N GLN A 223 2.65 -18.19 -20.03
CA GLN A 223 3.77 -18.59 -19.17
C GLN A 223 3.51 -19.93 -18.49
N LEU A 224 2.31 -20.14 -17.97
CA LEU A 224 2.00 -21.40 -17.30
C LEU A 224 2.00 -22.57 -18.29
N ALA A 225 1.51 -22.34 -19.50
CA ALA A 225 1.47 -23.41 -20.50
C ALA A 225 2.87 -23.84 -20.92
N ASN A 226 3.84 -22.92 -20.89
CA ASN A 226 5.22 -23.23 -21.25
C ASN A 226 6.08 -23.54 -20.03
N GLY A 227 5.48 -23.70 -18.86
CA GLY A 227 6.24 -24.07 -17.68
C GLY A 227 7.24 -23.05 -17.21
N GLU A 228 7.08 -21.79 -17.61
CA GLU A 228 7.97 -20.73 -17.15
C GLU A 228 7.58 -20.20 -15.77
N ILE A 229 6.39 -20.53 -15.29
CA ILE A 229 5.94 -20.13 -13.96
C ILE A 229 5.21 -21.31 -13.33
N ASP A 230 5.38 -21.49 -12.03
CA ASP A 230 4.66 -22.54 -11.32
C ASP A 230 3.22 -22.10 -11.07
N ARG A 231 2.32 -23.09 -11.02
CA ARG A 231 0.92 -22.80 -10.75
C ARG A 231 0.74 -22.05 -9.43
N GLU A 232 1.61 -22.34 -8.46
CA GLU A 232 1.51 -21.73 -7.13
C GLU A 232 2.18 -20.36 -7.11
N GLU A 233 3.22 -20.17 -7.92
CA GLU A 233 3.74 -18.83 -8.17
C GLU A 233 2.68 -17.94 -8.79
N LEU A 234 1.91 -18.47 -9.74
CA LEU A 234 0.87 -17.69 -10.38
C LEU A 234 -0.19 -17.25 -9.37
N ILE A 235 -0.51 -18.13 -8.41
CA ILE A 235 -1.50 -17.78 -7.38
C ILE A 235 -0.98 -16.65 -6.51
N SER A 236 0.27 -16.77 -6.03
CA SER A 236 0.83 -15.73 -5.18
C SER A 236 0.94 -14.40 -5.92
N THR A 237 1.34 -14.44 -7.19
CA THR A 237 1.44 -13.21 -7.97
C THR A 237 0.06 -12.57 -8.15
N ALA A 238 -0.93 -13.37 -8.56
CA ALA A 238 -2.27 -12.84 -8.72
C ALA A 238 -2.84 -12.36 -7.38
N MET A 239 -2.54 -13.08 -6.30
CA MET A 239 -2.99 -12.66 -4.98
C MET A 239 -2.36 -11.34 -4.58
N LEU A 240 -1.07 -11.16 -4.85
CA LEU A 240 -0.40 -9.91 -4.53
C LEU A 240 -1.03 -8.74 -5.27
N LEU A 241 -1.28 -8.91 -6.57
CA LEU A 241 -1.85 -7.83 -7.35
C LEU A 241 -3.30 -7.55 -6.95
N LEU A 242 -4.06 -8.60 -6.63
CA LEU A 242 -5.45 -8.42 -6.22
C LEU A 242 -5.54 -7.64 -4.92
N ILE A 243 -4.74 -8.03 -3.92
CA ILE A 243 -4.83 -7.40 -2.61
C ILE A 243 -4.24 -6.00 -2.64
N ALA A 244 -3.09 -5.83 -3.29
CA ALA A 244 -2.52 -4.49 -3.43
C ALA A 244 -3.41 -3.60 -4.27
N GLY A 245 -4.18 -4.19 -5.18
CA GLY A 245 -5.01 -3.38 -6.07
C GLY A 245 -6.20 -2.74 -5.39
N HIS A 246 -6.69 -3.32 -4.29
N HIS A 246 -6.75 -3.43 -4.37
CA HIS A 246 -7.87 -2.71 -3.69
CA HIS A 246 -7.88 -2.96 -3.58
C HIS A 246 -7.73 -2.29 -2.23
C HIS A 246 -7.43 -2.03 -2.47
N GLU A 247 -6.62 -2.57 -1.55
CA GLU A 247 -6.48 -2.04 -0.20
CA GLU A 247 -6.49 -2.04 -0.20
C GLU A 247 -5.70 -0.74 -0.15
N THR A 248 -4.63 -0.63 -0.94
CA THR A 248 -3.81 0.58 -0.91
C THR A 248 -4.61 1.79 -1.37
N THR A 249 -5.27 1.70 -2.52
CA THR A 249 -6.02 2.83 -3.03
C THR A 249 -7.20 3.17 -2.14
N ALA A 250 -7.87 2.15 -1.60
CA ALA A 250 -9.00 2.39 -0.69
C ALA A 250 -8.53 3.14 0.56
N SER A 251 -7.36 2.79 1.08
CA SER A 251 -6.87 3.45 2.29
C SER A 251 -6.36 4.85 1.99
N MET A 252 -5.73 5.05 0.82
CA MET A 252 -5.33 6.40 0.44
C MET A 252 -6.55 7.30 0.28
N THR A 253 -7.64 6.76 -0.27
CA THR A 253 -8.84 7.58 -0.47
C THR A 253 -9.46 7.98 0.86
N SER A 254 -9.62 7.01 1.78
CA SER A 254 -10.23 7.32 3.07
CA SER A 254 -10.23 7.32 3.07
C SER A 254 -9.40 8.33 3.84
N LEU A 255 -8.08 8.13 3.88
CA LEU A 255 -7.21 9.03 4.64
C LEU A 255 -7.08 10.39 3.96
N SER A 256 -7.05 10.41 2.61
CA SER A 256 -6.97 11.69 1.90
C SER A 256 -8.21 12.53 2.15
N VAL A 257 -9.38 11.89 2.23
CA VAL A 257 -10.61 12.63 2.55
C VAL A 257 -10.53 13.17 3.97
N ILE A 258 -10.13 12.33 4.93
CA ILE A 258 -9.99 12.78 6.31
C ILE A 258 -9.00 13.94 6.39
N THR A 259 -7.85 13.81 5.72
CA THR A 259 -6.80 14.81 5.83
C THR A 259 -7.25 16.15 5.22
N LEU A 260 -7.86 16.11 4.03
CA LEU A 260 -8.27 17.34 3.38
C LEU A 260 -9.38 18.06 4.13
N LEU A 261 -10.26 17.31 4.80
CA LEU A 261 -11.32 17.93 5.58
C LEU A 261 -10.79 18.61 6.84
N ASP A 262 -9.61 18.21 7.32
CA ASP A 262 -8.96 18.90 8.44
C ASP A 262 -8.09 20.06 7.99
N HIS A 263 -7.92 20.25 6.68
CA HIS A 263 -7.18 21.38 6.12
C HIS A 263 -8.08 22.06 5.10
N PRO A 264 -9.17 22.68 5.56
CA PRO A 264 -10.17 23.21 4.62
C PRO A 264 -9.66 24.33 3.74
N GLU A 265 -8.62 25.05 4.17
CA GLU A 265 -8.07 26.11 3.33
C GLU A 265 -7.39 25.52 2.09
N GLN A 266 -6.69 24.39 2.26
CA GLN A 266 -6.05 23.74 1.12
C GLN A 266 -7.06 22.98 0.28
N TYR A 267 -8.08 22.39 0.91
CA TYR A 267 -9.14 21.75 0.14
C TYR A 267 -9.88 22.77 -0.70
N ALA A 268 -10.06 23.99 -0.18
CA ALA A 268 -10.71 25.04 -0.96
C ALA A 268 -9.85 25.43 -2.16
N ALA A 269 -8.53 25.55 -1.96
CA ALA A 269 -7.65 25.87 -3.07
C ALA A 269 -7.64 24.75 -4.11
N LEU A 270 -7.72 23.50 -3.65
CA LEU A 270 -7.76 22.37 -4.58
C LEU A 270 -9.03 22.41 -5.42
N ARG A 271 -10.16 22.73 -4.80
CA ARG A 271 -11.42 22.79 -5.54
CA ARG A 271 -11.42 22.79 -5.54
C ARG A 271 -11.45 23.95 -6.52
N ALA A 272 -10.73 25.04 -6.22
CA ALA A 272 -10.73 26.21 -7.08
C ALA A 272 -9.85 26.04 -8.30
N ASP A 273 -8.77 25.27 -8.19
CA ASP A 273 -7.81 25.08 -9.28
C ASP A 273 -7.49 23.59 -9.40
N ARG A 274 -8.10 22.93 -10.39
CA ARG A 274 -7.93 21.50 -10.56
C ARG A 274 -6.57 21.12 -11.13
N SER A 275 -5.81 22.09 -11.65
CA SER A 275 -4.46 21.78 -12.10
C SER A 275 -3.55 21.38 -10.94
N LEU A 276 -3.94 21.71 -9.71
CA LEU A 276 -3.17 21.36 -8.51
C LEU A 276 -3.41 19.92 -8.07
N VAL A 277 -4.41 19.23 -8.63
CA VAL A 277 -4.72 17.88 -8.17
C VAL A 277 -3.54 16.92 -8.33
N PRO A 278 -2.86 16.86 -9.48
CA PRO A 278 -1.72 15.93 -9.57
C PRO A 278 -0.63 16.20 -8.55
N GLY A 279 -0.34 17.47 -8.25
CA GLY A 279 0.65 17.78 -7.24
C GLY A 279 0.17 17.49 -5.83
N ALA A 280 -1.14 17.68 -5.59
CA ALA A 280 -1.70 17.37 -4.28
C ALA A 280 -1.69 15.86 -4.02
N VAL A 281 -1.85 15.06 -5.06
CA VAL A 281 -1.78 13.61 -4.89
C VAL A 281 -0.39 13.18 -4.45
N GLU A 282 0.65 13.73 -5.08
CA GLU A 282 2.02 13.43 -4.68
C GLU A 282 2.26 13.83 -3.23
N GLU A 283 1.78 15.02 -2.84
CA GLU A 283 1.95 15.45 -1.45
C GLU A 283 1.18 14.57 -0.49
N LEU A 284 -0.03 14.16 -0.88
CA LEU A 284 -0.81 13.25 -0.03
C LEU A 284 -0.11 11.91 0.12
N LEU A 285 0.53 11.42 -0.94
CA LEU A 285 1.27 10.16 -0.85
C LEU A 285 2.47 10.30 0.08
N ARG A 286 3.21 11.40 -0.02
CA ARG A 286 4.32 11.63 0.89
C ARG A 286 3.82 11.78 2.33
N TYR A 287 2.75 12.53 2.52
CA TYR A 287 2.28 12.87 3.86
C TYR A 287 1.71 11.64 4.57
N LEU A 288 0.90 10.85 3.87
CA LEU A 288 0.17 9.78 4.53
C LEU A 288 1.00 8.51 4.66
N ALA A 289 1.67 8.10 3.59
CA ALA A 289 2.59 6.95 3.58
C ALA A 289 1.96 5.74 4.26
N ILE A 290 0.89 5.23 3.62
CA ILE A 290 0.09 4.17 4.24
C ILE A 290 0.80 2.83 4.28
N ALA A 291 1.90 2.67 3.55
CA ALA A 291 2.60 1.39 3.52
C ALA A 291 4.02 1.54 4.05
N ASP A 292 4.18 2.16 5.23
CA ASP A 292 5.51 2.41 5.76
C ASP A 292 6.14 1.19 6.42
N ILE A 293 5.41 0.08 6.54
CA ILE A 293 6.04 -1.18 6.91
C ILE A 293 6.64 -1.89 5.71
N ALA A 294 6.31 -1.45 4.50
CA ALA A 294 6.74 -2.09 3.27
C ALA A 294 8.21 -1.87 2.96
N GLY A 295 9.08 -2.08 3.95
CA GLY A 295 10.50 -1.86 3.74
C GLY A 295 11.37 -2.90 4.42
N GLY A 296 10.80 -4.08 4.69
CA GLY A 296 11.54 -5.12 5.37
C GLY A 296 12.63 -5.69 4.49
N ARG A 297 13.85 -5.75 5.01
CA ARG A 297 14.98 -6.33 4.31
C ARG A 297 15.84 -7.09 5.31
N VAL A 298 16.66 -8.00 4.80
CA VAL A 298 17.66 -8.70 5.59
C VAL A 298 19.01 -8.57 4.87
N ALA A 299 20.03 -8.15 5.62
CA ALA A 299 21.35 -7.96 5.02
C ALA A 299 22.01 -9.30 4.76
N THR A 300 22.57 -9.44 3.55
CA THR A 300 23.35 -10.61 3.20
C THR A 300 24.86 -10.38 3.34
N ALA A 301 25.28 -9.14 3.47
CA ALA A 301 26.68 -8.80 3.71
C ALA A 301 26.74 -7.61 4.65
N ASP A 302 27.95 -7.29 5.10
CA ASP A 302 28.14 -6.16 6.00
C ASP A 302 28.05 -4.86 5.22
N ILE A 303 27.30 -3.90 5.77
CA ILE A 303 27.05 -2.63 5.10
C ILE A 303 27.44 -1.50 6.05
N GLU A 304 28.32 -0.62 5.61
CA GLU A 304 28.69 0.58 6.36
C GLU A 304 27.85 1.75 5.87
N VAL A 305 27.14 2.40 6.80
CA VAL A 305 26.29 3.54 6.48
C VAL A 305 26.64 4.65 7.47
N GLU A 306 27.50 5.58 7.04
CA GLU A 306 27.83 6.77 7.81
C GLU A 306 28.30 6.41 9.22
N GLY A 307 29.29 5.54 9.30
CA GLY A 307 29.85 5.20 10.59
C GLY A 307 29.18 4.00 11.21
N GLN A 308 27.86 3.89 11.00
CA GLN A 308 27.12 2.76 11.54
C GLN A 308 27.33 1.53 10.65
N LEU A 309 27.26 0.35 11.26
CA LEU A 309 27.62 -0.89 10.60
C LEU A 309 26.48 -1.89 10.73
N ILE A 310 25.81 -2.16 9.62
CA ILE A 310 24.81 -3.22 9.54
C ILE A 310 25.54 -4.52 9.20
N ARG A 311 25.36 -5.54 10.05
CA ARG A 311 26.03 -6.82 9.86
CA ARG A 311 26.03 -6.81 9.86
C ARG A 311 25.16 -7.78 9.09
N ALA A 312 25.80 -8.67 8.35
CA ALA A 312 25.07 -9.67 7.57
C ALA A 312 24.22 -10.54 8.50
N GLY A 313 22.97 -10.77 8.09
CA GLY A 313 22.02 -11.49 8.91
C GLY A 313 21.15 -10.63 9.78
N GLU A 314 21.35 -9.31 9.78
CA GLU A 314 20.54 -8.41 10.57
C GLU A 314 19.36 -7.89 9.75
N GLY A 315 18.20 -7.78 10.41
CA GLY A 315 17.02 -7.26 9.73
C GLY A 315 17.04 -5.74 9.68
N VAL A 316 16.66 -5.20 8.52
CA VAL A 316 16.57 -3.77 8.29
C VAL A 316 15.16 -3.45 7.82
N ILE A 317 14.58 -2.38 8.36
CA ILE A 317 13.24 -1.94 7.99
C ILE A 317 13.34 -0.49 7.54
N VAL A 318 13.21 -0.26 6.24
CA VAL A 318 13.18 1.10 5.70
C VAL A 318 11.76 1.64 5.89
N VAL A 319 11.61 2.60 6.80
CA VAL A 319 10.30 3.16 7.15
C VAL A 319 10.11 4.41 6.29
N ASN A 320 9.34 4.28 5.21
CA ASN A 320 9.23 5.39 4.28
C ASN A 320 8.41 6.55 4.83
N SER A 321 7.57 6.33 5.84
CA SER A 321 6.84 7.44 6.43
C SER A 321 7.77 8.37 7.18
N ILE A 322 8.73 7.82 7.93
CA ILE A 322 9.73 8.65 8.60
C ILE A 322 10.60 9.36 7.59
N ALA A 323 11.09 8.63 6.60
CA ALA A 323 11.96 9.23 5.58
C ALA A 323 11.26 10.33 4.80
N ASN A 324 9.94 10.20 4.60
CA ASN A 324 9.18 11.25 3.93
C ASN A 324 8.98 12.48 4.81
N ARG A 325 9.34 12.41 6.09
CA ARG A 325 9.28 13.54 7.00
C ARG A 325 10.67 14.09 7.30
N ASP A 326 11.60 13.95 6.35
CA ASP A 326 12.98 14.40 6.55
C ASP A 326 13.04 15.90 6.25
N GLY A 327 13.28 16.70 7.29
CA GLY A 327 13.25 18.15 7.16
C GLY A 327 14.33 18.73 6.26
N THR A 328 15.43 18.01 6.07
CA THR A 328 16.48 18.46 5.16
C THR A 328 16.12 18.23 3.70
N VAL A 329 14.98 17.61 3.41
CA VAL A 329 14.50 17.40 2.06
C VAL A 329 13.21 18.17 1.80
N TYR A 330 12.27 18.13 2.75
CA TYR A 330 11.01 18.87 2.67
C TYR A 330 10.95 19.77 3.90
N GLU A 331 11.06 21.09 3.68
CA GLU A 331 11.06 22.02 4.80
C GLU A 331 9.71 21.99 5.51
N ASP A 332 9.75 22.00 6.83
N ASP A 332 9.76 22.02 6.84
CA ASP A 332 8.58 21.83 7.67
CA ASP A 332 8.58 21.83 7.70
C ASP A 332 7.82 20.56 7.27
C ASP A 332 7.84 20.57 7.25
N PRO A 333 8.43 19.40 7.46
CA PRO A 333 7.87 18.17 6.84
C PRO A 333 6.54 17.72 7.42
N ASP A 334 6.21 18.11 8.64
CA ASP A 334 4.98 17.65 9.28
C ASP A 334 3.76 18.47 8.87
N ALA A 335 3.90 19.39 7.92
CA ALA A 335 2.79 20.24 7.49
C ALA A 335 2.33 19.80 6.10
N LEU A 336 1.03 19.57 5.97
CA LEU A 336 0.44 19.35 4.66
C LEU A 336 0.59 20.61 3.81
N ASP A 337 0.97 20.42 2.55
CA ASP A 337 1.29 21.57 1.69
C ASP A 337 1.16 21.10 0.24
N ILE A 338 -0.05 21.28 -0.32
CA ILE A 338 -0.32 20.85 -1.68
C ILE A 338 0.48 21.64 -2.71
N HIS A 339 1.02 22.80 -2.32
CA HIS A 339 1.82 23.62 -3.22
C HIS A 339 3.29 23.26 -3.21
N ARG A 340 3.72 22.37 -2.30
CA ARG A 340 5.13 22.02 -2.22
C ARG A 340 5.50 21.02 -3.32
N SER A 341 6.80 20.95 -3.59
CA SER A 341 7.34 19.91 -4.45
C SER A 341 7.56 18.67 -3.61
N ALA A 342 6.66 17.69 -3.75
CA ALA A 342 6.78 16.42 -3.03
C ALA A 342 7.64 15.41 -3.78
N ARG A 343 8.56 15.87 -4.60
CA ARG A 343 9.34 14.97 -5.44
C ARG A 343 10.27 14.10 -4.61
N HIS A 344 10.64 12.97 -5.19
CA HIS A 344 11.59 12.01 -4.63
C HIS A 344 11.12 11.37 -3.33
N HIS A 345 9.82 11.44 -3.04
CA HIS A 345 9.32 10.78 -1.84
C HIS A 345 9.36 9.26 -2.02
N LEU A 346 9.33 8.55 -0.90
CA LEU A 346 9.53 7.12 -0.87
C LEU A 346 8.26 6.34 -0.56
N ALA A 347 7.10 6.98 -0.71
CA ALA A 347 5.83 6.29 -0.43
C ALA A 347 5.64 5.08 -1.35
N PHE A 348 6.24 5.11 -2.54
CA PHE A 348 6.18 4.00 -3.48
C PHE A 348 7.44 3.15 -3.44
N GLY A 349 8.34 3.40 -2.50
CA GLY A 349 9.61 2.70 -2.46
C GLY A 349 10.59 3.26 -3.47
N PHE A 350 11.69 2.52 -3.65
CA PHE A 350 12.73 2.93 -4.58
C PHE A 350 13.50 1.68 -5.02
N GLY A 351 14.00 1.72 -6.25
CA GLY A 351 14.84 0.64 -6.75
C GLY A 351 14.11 -0.37 -7.60
N VAL A 352 14.55 -1.63 -7.56
CA VAL A 352 13.97 -2.66 -8.39
C VAL A 352 12.59 -3.09 -7.89
N HIS A 353 12.29 -2.84 -6.62
CA HIS A 353 10.99 -3.18 -6.04
C HIS A 353 10.06 -1.98 -5.96
N GLN A 354 10.40 -0.88 -6.63
CA GLN A 354 9.52 0.29 -6.64
C GLN A 354 8.13 -0.10 -7.14
N CYS A 355 7.11 0.47 -6.48
CA CYS A 355 5.72 0.02 -6.64
C CYS A 355 5.34 -0.15 -8.10
N LEU A 356 4.89 -1.36 -8.45
CA LEU A 356 4.52 -1.65 -9.84
C LEU A 356 3.31 -0.83 -10.26
N GLY A 357 2.33 -0.68 -9.38
CA GLY A 357 1.10 0.00 -9.76
C GLY A 357 1.02 1.43 -9.29
N GLN A 358 2.17 2.10 -9.18
CA GLN A 358 2.20 3.46 -8.65
C GLN A 358 1.42 4.44 -9.53
N ASN A 359 1.43 4.23 -10.85
CA ASN A 359 0.72 5.14 -11.74
C ASN A 359 -0.76 4.82 -11.83
N LEU A 360 -1.15 3.57 -11.59
CA LEU A 360 -2.58 3.27 -11.46
C LEU A 360 -3.17 3.94 -10.22
N ALA A 361 -2.41 3.95 -9.13
CA ALA A 361 -2.86 4.61 -7.90
C ALA A 361 -2.93 6.12 -8.10
N ARG A 362 -1.97 6.70 -8.82
CA ARG A 362 -2.00 8.12 -9.10
C ARG A 362 -3.23 8.49 -9.92
N LEU A 363 -3.52 7.70 -10.97
CA LEU A 363 -4.70 7.96 -11.79
C LEU A 363 -5.97 7.79 -10.99
N GLU A 364 -6.07 6.70 -10.21
CA GLU A 364 -7.28 6.45 -9.43
C GLU A 364 -7.53 7.58 -8.44
N LEU A 365 -6.49 8.06 -7.77
CA LEU A 365 -6.68 9.12 -6.78
C LEU A 365 -7.02 10.45 -7.43
N GLU A 366 -6.40 10.75 -8.58
CA GLU A 366 -6.72 11.98 -9.29
C GLU A 366 -8.19 12.01 -9.71
N VAL A 367 -8.65 10.92 -10.32
CA VAL A 367 -10.04 10.86 -10.78
C VAL A 367 -11.00 10.92 -9.58
N ILE A 368 -10.63 10.27 -8.47
CA ILE A 368 -11.53 10.21 -7.33
C ILE A 368 -11.67 11.57 -6.67
N LEU A 369 -10.56 12.29 -6.50
CA LEU A 369 -10.62 13.61 -5.86
C LEU A 369 -11.42 14.59 -6.70
N ASN A 370 -11.20 14.60 -8.02
CA ASN A 370 -11.98 15.48 -8.89
C ASN A 370 -13.46 15.13 -8.84
N ALA A 371 -13.79 13.85 -8.71
CA ALA A 371 -15.19 13.44 -8.68
C ALA A 371 -15.86 13.87 -7.39
N LEU A 372 -15.18 13.71 -6.24
CA LEU A 372 -15.77 14.12 -4.97
C LEU A 372 -15.97 15.63 -4.91
N MET A 373 -15.03 16.40 -5.48
CA MET A 373 -15.18 17.84 -5.50
C MET A 373 -16.23 18.32 -6.50
N ASP A 374 -16.50 17.52 -7.54
CA ASP A 374 -17.49 17.93 -8.53
C ASP A 374 -18.91 17.61 -8.10
N ARG A 375 -19.13 16.44 -7.49
CA ARG A 375 -20.47 15.98 -7.18
C ARG A 375 -20.86 16.12 -5.72
N VAL A 376 -19.92 15.99 -4.79
CA VAL A 376 -20.23 16.13 -3.36
C VAL A 376 -19.30 17.16 -2.73
N PRO A 377 -19.35 18.44 -3.14
CA PRO A 377 -18.46 19.43 -2.53
C PRO A 377 -18.79 19.73 -1.08
N THR A 378 -20.00 19.41 -0.63
CA THR A 378 -20.41 19.61 0.76
C THR A 378 -20.06 18.42 1.64
N LEU A 379 -19.25 17.48 1.14
CA LEU A 379 -18.95 16.27 1.88
C LEU A 379 -18.23 16.60 3.18
N ARG A 380 -18.72 16.03 4.28
CA ARG A 380 -18.13 16.22 5.60
C ARG A 380 -18.25 14.92 6.38
N LEU A 381 -17.46 14.82 7.45
CA LEU A 381 -17.47 13.64 8.29
C LEU A 381 -18.69 13.64 9.20
N ALA A 382 -19.40 12.51 9.25
CA ALA A 382 -20.57 12.37 10.11
C ALA A 382 -20.21 12.11 11.56
N VAL A 383 -18.92 11.97 11.88
CA VAL A 383 -18.46 11.78 13.25
C VAL A 383 -17.15 12.54 13.43
N PRO A 384 -16.83 12.91 14.68
CA PRO A 384 -15.54 13.56 14.92
C PRO A 384 -14.39 12.61 14.59
N VAL A 385 -13.25 13.20 14.21
CA VAL A 385 -12.11 12.41 13.77
C VAL A 385 -11.60 11.52 14.89
N GLU A 386 -11.57 12.04 16.12
CA GLU A 386 -11.07 11.25 17.25
C GLU A 386 -11.93 10.02 17.52
N GLN A 387 -13.17 10.00 17.03
CA GLN A 387 -14.02 8.83 17.19
C GLN A 387 -13.65 7.71 16.23
N LEU A 388 -12.88 8.00 15.19
CA LEU A 388 -12.53 7.00 14.20
C LEU A 388 -11.52 6.01 14.76
N VAL A 389 -11.55 4.79 14.24
CA VAL A 389 -10.69 3.69 14.69
C VAL A 389 -9.65 3.45 13.61
N LEU A 390 -8.38 3.68 13.94
CA LEU A 390 -7.29 3.51 13.00
C LEU A 390 -6.72 2.10 13.08
N ARG A 391 -6.16 1.64 11.96
CA ARG A 391 -5.49 0.35 11.96
C ARG A 391 -4.15 0.45 12.69
N PRO A 392 -3.72 -0.62 13.33
CA PRO A 392 -2.42 -0.60 14.03
C PRO A 392 -1.27 -0.52 13.04
N GLY A 393 -0.10 -0.19 13.57
CA GLY A 393 1.08 0.00 12.74
C GLY A 393 1.62 -1.24 12.09
N THR A 394 1.06 -2.42 12.39
CA THR A 394 1.53 -3.68 11.82
C THR A 394 0.89 -3.99 10.48
N THR A 395 0.12 -3.07 9.90
CA THR A 395 -0.55 -3.32 8.64
C THR A 395 -0.65 -2.01 7.86
N ILE A 396 -1.42 -2.03 6.77
CA ILE A 396 -1.61 -0.84 5.94
C ILE A 396 -2.43 0.18 6.72
N GLN A 397 -1.96 1.42 6.73
CA GLN A 397 -2.66 2.47 7.46
C GLN A 397 -4.01 2.76 6.84
N GLY A 398 -4.99 3.08 7.68
CA GLY A 398 -6.31 3.43 7.20
C GLY A 398 -7.36 3.20 8.27
N VAL A 399 -8.61 3.41 7.86
CA VAL A 399 -9.76 3.18 8.71
C VAL A 399 -10.58 2.04 8.11
N ASN A 400 -11.39 1.41 8.97
CA ASN A 400 -12.31 0.39 8.50
C ASN A 400 -13.70 0.96 8.21
N GLU A 401 -14.08 2.03 8.88
CA GLU A 401 -15.33 2.74 8.64
C GLU A 401 -15.04 4.21 8.47
N LEU A 402 -15.89 4.90 7.72
CA LEU A 402 -15.77 6.35 7.53
C LEU A 402 -17.16 6.92 7.29
N PRO A 403 -17.89 7.22 8.37
CA PRO A 403 -19.24 7.80 8.22
C PRO A 403 -19.15 9.22 7.69
N VAL A 404 -19.84 9.47 6.57
CA VAL A 404 -19.86 10.78 5.93
C VAL A 404 -21.30 11.19 5.70
N THR A 405 -21.49 12.50 5.52
CA THR A 405 -22.78 13.06 5.16
C THR A 405 -22.53 14.26 4.26
N TRP A 406 -23.62 14.84 3.74
CA TRP A 406 -23.50 15.90 2.76
C TRP A 406 -24.84 16.61 2.61
N HIS A 407 -24.80 17.78 1.98
CA HIS A 407 -26.00 18.47 1.55
C HIS A 407 -26.76 17.63 0.53
N HIS A 408 -27.86 17.01 0.96
CA HIS A 408 -28.58 16.06 0.15
C HIS A 408 -29.82 16.68 -0.47
N HIS A 409 -30.12 16.27 -1.71
CA HIS A 409 -31.40 16.62 -2.34
C HIS A 409 -31.56 15.80 -3.61
N HIS A 410 -32.82 15.56 -3.97
CA HIS A 410 -33.18 14.91 -5.22
C HIS A 410 -34.65 15.18 -5.54
#